data_9W7O
#
_entry.id   9W7O
#
_cell.length_a   70.817
_cell.length_b   51.512
_cell.length_c   74.697
_cell.angle_alpha   90
_cell.angle_beta   113.075
_cell.angle_gamma   90
#
_symmetry.space_group_name_H-M   'P 1 21 1'
#
loop_
_entity.id
_entity.type
_entity.pdbx_description
1 polymer 'Beta-lactamase SME-1'
2 non-polymer '(3~{R})-3-[2-[4-(2-azanylethylamino)cyclohexyl]ethanoylamino]-2-oxidanyl-3,4-dihydro-1,2-benzoxaborinine-8-carboxylic acid'
3 non-polymer 'TETRAETHYLENE GLYCOL'
4 water water
#
_entity_poly.entity_id   1
_entity_poly.type   'polypeptide(L)'
_entity_poly.pdbx_seq_one_letter_code
;NKSDAAAKQIKKLEEDFDGRIGVFAIDTGSGNTFGYRSDERFPLCSSFKGFLAAAVLERVQQKKLDINQKVKYESRDLEY
HSPITTKYKGSGMTLGDMASAALQYSDNGATNIIMERFLGGPEGMTKFMRSIGDNEFRLDRWELELNTAIPGDKRDTSTP
KAVANSLNKLALGNVLNAKVKAIYQNWLKGNTTGDARIRASVPADWVVGDKTGSCGAYGTANDYAVIWPKNRAPLIVSIY
TTRKSKDDKHSDKTIAEASRIAIQAID
;
_entity_poly.pdbx_strand_id   A,B
#
# COMPACT_ATOMS: atom_id res chain seq x y z
N ASN A 1 12.71 -20.09 33.62
CA ASN A 1 11.61 -19.52 34.45
C ASN A 1 11.09 -18.23 33.81
N LYS A 2 11.72 -17.74 32.73
CA LYS A 2 11.02 -16.73 31.94
C LYS A 2 9.88 -17.44 31.23
N SER A 3 10.20 -18.59 30.66
CA SER A 3 9.26 -19.37 29.89
C SER A 3 8.18 -19.93 30.84
N ASP A 4 8.60 -20.33 32.05
CA ASP A 4 7.69 -20.86 33.06
C ASP A 4 6.67 -19.80 33.50
N ALA A 5 7.13 -18.57 33.70
CA ALA A 5 6.31 -17.45 34.12
C ALA A 5 5.28 -17.06 33.04
N ALA A 6 5.71 -17.07 31.77
CA ALA A 6 4.82 -16.71 30.67
C ALA A 6 3.77 -17.79 30.50
N ALA A 7 4.16 -19.08 30.61
CA ALA A 7 3.20 -20.19 30.55
C ALA A 7 2.08 -19.99 31.58
N LYS A 8 2.43 -19.73 32.85
CA LYS A 8 1.43 -19.48 33.89
C LYS A 8 0.53 -18.31 33.52
N GLN A 9 1.08 -17.29 32.86
CA GLN A 9 0.30 -16.12 32.49
C GLN A 9 -0.73 -16.49 31.40
N ILE A 10 -0.31 -17.23 30.38
CA ILE A 10 -1.25 -17.64 29.33
C ILE A 10 -2.29 -18.58 29.95
N LYS A 11 -1.87 -19.44 30.88
CA LYS A 11 -2.81 -20.39 31.48
C LYS A 11 -3.94 -19.67 32.22
N LYS A 12 -3.59 -18.64 33.00
CA LYS A 12 -4.59 -17.82 33.66
C LYS A 12 -5.52 -17.13 32.65
N LEU A 13 -4.93 -16.59 31.58
CA LEU A 13 -5.65 -15.87 30.54
C LEU A 13 -6.68 -16.78 29.87
N GLU A 14 -6.30 -18.03 29.57
CA GLU A 14 -7.18 -18.95 28.89
C GLU A 14 -8.27 -19.40 29.87
N GLU A 15 -7.95 -19.42 31.17
CA GLU A 15 -8.95 -19.82 32.15
C GLU A 15 -9.92 -18.68 32.38
N ASP A 16 -9.41 -17.45 32.34
CA ASP A 16 -10.21 -16.26 32.62
C ASP A 16 -11.36 -16.17 31.61
N PHE A 17 -11.12 -16.62 30.37
CA PHE A 17 -12.16 -16.51 29.36
C PHE A 17 -12.75 -17.87 28.99
N ASP A 18 -12.48 -18.90 29.82
CA ASP A 18 -13.04 -20.24 29.63
C ASP A 18 -12.80 -20.75 28.20
N GLY A 19 -11.53 -20.84 27.85
CA GLY A 19 -11.13 -21.17 26.49
C GLY A 19 -9.74 -21.78 26.51
N ARG A 20 -9.09 -21.74 25.35
N ARG A 20 -9.11 -21.80 25.34
CA ARG A 20 -7.79 -22.35 25.14
CA ARG A 20 -7.79 -22.36 25.17
C ARG A 20 -6.98 -21.43 24.25
C ARG A 20 -6.99 -21.44 24.26
N ILE A 21 -5.72 -21.20 24.64
CA ILE A 21 -4.84 -20.30 23.90
C ILE A 21 -3.60 -21.07 23.48
N GLY A 22 -3.20 -20.99 22.20
CA GLY A 22 -1.97 -21.62 21.75
C GLY A 22 -1.04 -20.54 21.19
N VAL A 23 0.24 -20.57 21.55
CA VAL A 23 1.17 -19.52 21.16
C VAL A 23 2.48 -20.14 20.68
N PHE A 24 3.13 -19.51 19.68
CA PHE A 24 4.53 -19.77 19.40
C PHE A 24 5.16 -18.47 18.94
N ALA A 25 6.35 -18.13 19.43
CA ALA A 25 6.96 -16.86 19.05
C ALA A 25 8.45 -17.10 18.82
N ILE A 26 9.05 -16.37 17.88
CA ILE A 26 10.48 -16.50 17.58
C ILE A 26 11.10 -15.11 17.50
N ASP A 27 12.24 -14.90 18.18
CA ASP A 27 13.11 -13.77 17.87
C ASP A 27 14.19 -14.21 16.89
N THR A 28 14.13 -13.75 15.61
CA THR A 28 15.00 -14.28 14.55
C THR A 28 16.43 -13.75 14.69
N GLY A 29 16.63 -12.81 15.62
CA GLY A 29 17.94 -12.21 15.85
C GLY A 29 18.73 -12.97 16.90
N SER A 30 18.05 -13.57 17.89
CA SER A 30 18.68 -14.33 18.96
C SER A 30 18.40 -15.82 18.80
N GLY A 31 17.33 -16.17 18.07
CA GLY A 31 16.87 -17.55 18.01
C GLY A 31 15.99 -17.97 19.20
N ASN A 32 15.75 -17.08 20.17
CA ASN A 32 14.91 -17.43 21.30
C ASN A 32 13.48 -17.72 20.84
N THR A 33 12.87 -18.78 21.39
CA THR A 33 11.48 -19.13 21.08
C THR A 33 10.67 -19.28 22.37
N PHE A 34 9.35 -19.07 22.29
CA PHE A 34 8.46 -19.38 23.39
C PHE A 34 7.21 -20.09 22.85
N GLY A 35 6.74 -21.12 23.56
CA GLY A 35 5.59 -21.90 23.11
C GLY A 35 4.67 -22.24 24.27
N TYR A 36 3.34 -22.08 24.07
CA TYR A 36 2.37 -22.63 24.99
C TYR A 36 1.30 -23.36 24.17
N ARG A 37 1.03 -24.62 24.53
CA ARG A 37 0.21 -25.51 23.72
C ARG A 37 0.61 -25.42 22.25
N SER A 38 1.91 -25.19 21.96
CA SER A 38 2.40 -24.97 20.61
C SER A 38 2.30 -26.21 19.71
N ASP A 39 2.11 -27.43 20.26
CA ASP A 39 1.92 -28.58 19.37
C ASP A 39 0.48 -29.06 19.34
N GLU A 40 -0.46 -28.33 19.97
CA GLU A 40 -1.86 -28.75 19.97
C GLU A 40 -2.55 -28.16 18.75
N ARG A 41 -3.71 -28.76 18.34
CA ARG A 41 -4.41 -28.36 17.13
C ARG A 41 -5.43 -27.26 17.42
N PHE A 42 -5.50 -26.28 16.52
CA PHE A 42 -6.48 -25.19 16.56
C PHE A 42 -7.01 -24.96 15.16
N PRO A 43 -8.29 -24.54 14.98
CA PRO A 43 -8.84 -24.26 13.64
C PRO A 43 -8.04 -23.13 12.99
N LEU A 44 -7.73 -23.25 11.68
CA LEU A 44 -7.06 -22.16 10.95
C LEU A 44 -7.97 -20.94 10.75
N CYS A 45 -9.27 -21.18 10.59
CA CYS A 45 -10.18 -20.15 10.06
C CYS A 45 -9.59 -19.59 8.77
N SER A 46 -9.73 -18.28 8.54
CA SER A 46 -9.21 -17.60 7.37
C SER A 46 -7.68 -17.44 7.41
N SER A 47 -6.99 -17.81 8.50
CA SER A 47 -5.56 -17.56 8.56
C SER A 47 -4.80 -18.25 7.43
N PHE A 48 -5.35 -19.33 6.88
CA PHE A 48 -4.63 -20.03 5.83
C PHE A 48 -4.53 -19.18 4.55
N LYS A 49 -5.37 -18.14 4.42
CA LYS A 49 -5.41 -17.31 3.23
C LYS A 49 -4.07 -16.60 3.04
N GLY A 50 -3.37 -16.37 4.15
CA GLY A 50 -2.03 -15.80 4.11
C GLY A 50 -1.04 -16.74 3.41
N PHE A 51 -1.23 -18.04 3.59
CA PHE A 51 -0.38 -19.05 2.98
C PHE A 51 -0.83 -19.31 1.53
N LEU A 52 -2.15 -19.24 1.28
CA LEU A 52 -2.70 -19.30 -0.06
C LEU A 52 -2.04 -18.25 -0.98
N ALA A 53 -1.92 -17.00 -0.49
CA ALA A 53 -1.26 -15.92 -1.22
C ALA A 53 0.19 -16.30 -1.55
N ALA A 54 0.90 -16.90 -0.57
CA ALA A 54 2.29 -17.28 -0.77
C ALA A 54 2.37 -18.37 -1.84
N ALA A 55 1.39 -19.28 -1.84
CA ALA A 55 1.37 -20.38 -2.79
C ALA A 55 1.17 -19.87 -4.22
N VAL A 56 0.32 -18.84 -4.37
CA VAL A 56 0.11 -18.16 -5.65
C VAL A 56 1.43 -17.57 -6.16
N LEU A 57 2.14 -16.87 -5.26
CA LEU A 57 3.39 -16.20 -5.63
C LEU A 57 4.43 -17.25 -6.03
N GLU A 58 4.36 -18.44 -5.43
CA GLU A 58 5.31 -19.49 -5.77
C GLU A 58 4.99 -20.06 -7.16
N ARG A 59 3.72 -20.13 -7.51
CA ARG A 59 3.33 -20.53 -8.86
C ARG A 59 3.83 -19.54 -9.90
N VAL A 60 3.72 -18.24 -9.58
CA VAL A 60 4.18 -17.20 -10.49
C VAL A 60 5.69 -17.39 -10.73
N GLN A 61 6.39 -17.74 -9.64
CA GLN A 61 7.84 -17.88 -9.62
C GLN A 61 8.26 -19.07 -10.47
N GLN A 62 7.51 -20.17 -10.38
CA GLN A 62 7.71 -21.36 -11.22
C GLN A 62 7.26 -21.13 -12.66
N LYS A 63 6.68 -19.95 -12.93
CA LYS A 63 6.23 -19.58 -14.27
C LYS A 63 5.00 -20.40 -14.66
N LYS A 64 4.31 -20.97 -13.67
CA LYS A 64 3.07 -21.66 -13.97
C LYS A 64 1.95 -20.63 -14.14
N LEU A 65 2.15 -19.43 -13.61
CA LEU A 65 1.13 -18.37 -13.62
C LEU A 65 1.79 -17.02 -13.81
N ASP A 66 1.03 -16.01 -14.30
CA ASP A 66 1.50 -14.65 -14.49
C ASP A 66 0.75 -13.77 -13.48
N ILE A 67 1.49 -12.97 -12.72
CA ILE A 67 0.91 -12.16 -11.65
C ILE A 67 -0.17 -11.22 -12.21
N ASN A 68 -0.09 -10.86 -13.51
CA ASN A 68 -1.03 -9.88 -14.05
C ASN A 68 -2.08 -10.53 -14.95
N GLN A 69 -2.15 -11.87 -14.98
CA GLN A 69 -3.17 -12.47 -15.82
C GLN A 69 -4.55 -12.10 -15.26
N LYS A 70 -5.49 -11.77 -16.16
CA LYS A 70 -6.85 -11.45 -15.76
C LYS A 70 -7.60 -12.73 -15.35
N VAL A 71 -8.35 -12.63 -14.25
CA VAL A 71 -9.16 -13.74 -13.79
C VAL A 71 -10.62 -13.27 -13.83
N LYS A 72 -11.41 -13.92 -14.69
CA LYS A 72 -12.79 -13.47 -14.86
C LYS A 72 -13.73 -14.45 -14.18
N TYR A 73 -14.86 -13.94 -13.66
CA TYR A 73 -15.81 -14.74 -12.89
C TYR A 73 -17.19 -14.08 -12.92
N GLU A 74 -17.54 -13.52 -14.08
CA GLU A 74 -18.70 -12.65 -14.23
C GLU A 74 -20.01 -13.36 -13.86
N SER A 75 -20.05 -14.70 -13.97
CA SER A 75 -21.26 -15.48 -13.77
C SER A 75 -21.29 -16.17 -12.40
N ARG A 76 -20.23 -16.01 -11.59
CA ARG A 76 -20.10 -16.78 -10.36
C ARG A 76 -21.10 -16.29 -9.31
N ASP A 77 -21.67 -17.23 -8.55
CA ASP A 77 -22.34 -16.92 -7.30
C ASP A 77 -21.30 -16.73 -6.21
N LEU A 78 -20.98 -15.48 -5.84
CA LEU A 78 -19.90 -15.27 -4.91
C LEU A 78 -20.30 -15.60 -3.47
N GLU A 79 -19.34 -16.17 -2.74
CA GLU A 79 -19.44 -16.52 -1.33
C GLU A 79 -19.77 -15.30 -0.47
N TYR A 80 -20.41 -15.55 0.69
CA TYR A 80 -20.51 -14.57 1.75
C TYR A 80 -19.11 -14.07 2.09
N HIS A 81 -19.01 -12.76 2.41
CA HIS A 81 -17.78 -12.05 2.74
C HIS A 81 -16.82 -12.08 1.54
N SER A 82 -17.33 -11.59 0.39
CA SER A 82 -16.51 -11.35 -0.77
C SER A 82 -16.50 -9.85 -1.12
N PRO A 83 -16.05 -8.95 -0.21
CA PRO A 83 -16.17 -7.50 -0.47
C PRO A 83 -15.41 -6.96 -1.68
N ILE A 84 -14.23 -7.54 -1.96
CA ILE A 84 -13.40 -7.01 -3.06
C ILE A 84 -13.82 -7.67 -4.38
N THR A 85 -13.98 -9.00 -4.36
CA THR A 85 -14.30 -9.68 -5.60
C THR A 85 -15.67 -9.22 -6.11
N THR A 86 -16.59 -8.89 -5.20
CA THR A 86 -17.90 -8.44 -5.67
CA THR A 86 -17.90 -8.42 -5.63
C THR A 86 -17.74 -7.12 -6.42
N LYS A 87 -16.82 -6.27 -5.97
CA LYS A 87 -16.71 -4.96 -6.57
C LYS A 87 -16.26 -5.08 -8.03
N TYR A 88 -15.41 -6.08 -8.32
CA TYR A 88 -14.80 -6.23 -9.63
C TYR A 88 -15.40 -7.37 -10.46
N LYS A 89 -16.58 -7.87 -10.07
CA LYS A 89 -17.23 -9.01 -10.71
C LYS A 89 -17.41 -8.79 -12.21
N GLY A 90 -17.70 -7.54 -12.56
CA GLY A 90 -17.96 -7.11 -13.93
C GLY A 90 -16.73 -7.21 -14.82
N SER A 91 -15.59 -6.74 -14.29
CA SER A 91 -14.37 -6.52 -15.06
C SER A 91 -13.37 -7.65 -14.87
N GLY A 92 -13.45 -8.36 -13.73
CA GLY A 92 -12.44 -9.34 -13.36
C GLY A 92 -11.31 -8.67 -12.59
N MET A 93 -10.34 -9.48 -12.12
CA MET A 93 -9.20 -8.98 -11.38
C MET A 93 -7.92 -9.63 -11.90
N THR A 94 -6.77 -8.98 -11.72
CA THR A 94 -5.54 -9.72 -11.97
C THR A 94 -5.39 -10.78 -10.88
N LEU A 95 -4.63 -11.84 -11.16
CA LEU A 95 -4.40 -12.90 -10.17
C LEU A 95 -3.79 -12.31 -8.91
N GLY A 96 -2.79 -11.44 -9.11
CA GLY A 96 -2.08 -10.81 -8.01
C GLY A 96 -3.04 -10.01 -7.11
N ASP A 97 -3.93 -9.22 -7.74
CA ASP A 97 -4.89 -8.45 -6.97
C ASP A 97 -5.87 -9.37 -6.25
N MET A 98 -6.23 -10.47 -6.90
CA MET A 98 -7.16 -11.41 -6.29
C MET A 98 -6.48 -12.08 -5.08
N ALA A 99 -5.23 -12.53 -5.24
CA ALA A 99 -4.51 -13.14 -4.13
C ALA A 99 -4.34 -12.17 -2.94
N SER A 100 -4.03 -10.89 -3.22
CA SER A 100 -3.84 -9.99 -2.08
C SER A 100 -5.15 -9.59 -1.40
N ALA A 101 -6.29 -9.63 -2.14
CA ALA A 101 -7.60 -9.42 -1.53
C ALA A 101 -7.95 -10.58 -0.60
N ALA A 102 -7.62 -11.80 -1.05
CA ALA A 102 -7.87 -12.94 -0.19
C ALA A 102 -7.16 -12.72 1.15
N LEU A 103 -5.90 -12.28 1.08
CA LEU A 103 -5.16 -12.02 2.30
C LEU A 103 -5.69 -10.77 3.01
N GLN A 104 -5.68 -9.61 2.32
CA GLN A 104 -5.80 -8.34 3.03
C GLN A 104 -7.22 -8.06 3.53
N TYR A 105 -8.24 -8.65 2.89
CA TYR A 105 -9.63 -8.46 3.25
C TYR A 105 -10.31 -9.78 3.63
N SER A 106 -9.57 -10.88 3.59
CA SER A 106 -10.11 -12.20 3.93
C SER A 106 -11.22 -12.63 2.94
N ASP A 107 -11.07 -12.25 1.66
CA ASP A 107 -12.15 -12.36 0.69
C ASP A 107 -12.40 -13.82 0.34
N ASN A 108 -13.64 -14.29 0.57
CA ASN A 108 -13.97 -15.71 0.41
C ASN A 108 -14.06 -16.12 -1.06
N GLY A 109 -14.64 -15.25 -1.89
CA GLY A 109 -14.72 -15.56 -3.30
C GLY A 109 -13.33 -15.66 -3.91
N ALA A 110 -12.43 -14.71 -3.59
CA ALA A 110 -11.05 -14.75 -4.07
C ALA A 110 -10.43 -16.09 -3.70
N THR A 111 -10.60 -16.47 -2.44
CA THR A 111 -10.06 -17.70 -1.88
C THR A 111 -10.50 -18.92 -2.68
N ASN A 112 -11.82 -19.09 -2.84
CA ASN A 112 -12.32 -20.29 -3.49
C ASN A 112 -11.95 -20.29 -4.97
N ILE A 113 -12.00 -19.12 -5.64
CA ILE A 113 -11.67 -19.08 -7.06
C ILE A 113 -10.24 -19.54 -7.25
N ILE A 114 -9.32 -19.03 -6.41
CA ILE A 114 -7.91 -19.35 -6.55
C ILE A 114 -7.70 -20.84 -6.29
N MET A 115 -8.35 -21.39 -5.25
CA MET A 115 -8.21 -22.82 -4.97
C MET A 115 -8.76 -23.67 -6.12
N GLU A 116 -9.88 -23.24 -6.72
CA GLU A 116 -10.52 -23.98 -7.81
C GLU A 116 -9.63 -24.04 -9.05
N ARG A 117 -9.02 -22.90 -9.41
CA ARG A 117 -8.42 -22.73 -10.72
C ARG A 117 -6.91 -22.96 -10.71
N PHE A 118 -6.20 -22.60 -9.63
CA PHE A 118 -4.74 -22.51 -9.68
C PHE A 118 -4.00 -23.42 -8.69
N LEU A 119 -4.62 -23.79 -7.57
CA LEU A 119 -3.88 -24.41 -6.47
C LEU A 119 -4.28 -25.87 -6.25
N GLY A 120 -5.35 -26.35 -6.92
CA GLY A 120 -5.75 -27.74 -6.79
C GLY A 120 -6.54 -28.03 -5.50
N GLY A 121 -7.30 -27.03 -5.04
CA GLY A 121 -8.22 -27.24 -3.94
C GLY A 121 -7.56 -27.30 -2.57
N PRO A 122 -8.32 -27.64 -1.51
CA PRO A 122 -7.73 -27.83 -0.17
C PRO A 122 -6.59 -28.85 -0.19
N GLU A 123 -6.72 -29.91 -0.99
CA GLU A 123 -5.67 -30.92 -1.11
C GLU A 123 -4.39 -30.31 -1.69
N GLY A 124 -4.55 -29.42 -2.68
CA GLY A 124 -3.42 -28.72 -3.29
C GLY A 124 -2.76 -27.71 -2.33
N MET A 125 -3.59 -26.99 -1.57
CA MET A 125 -3.12 -26.06 -0.53
C MET A 125 -2.27 -26.83 0.49
N THR A 126 -2.75 -28.02 0.88
CA THR A 126 -2.09 -28.86 1.86
C THR A 126 -0.76 -29.33 1.27
N LYS A 127 -0.80 -29.76 0.01
CA LYS A 127 0.42 -30.17 -0.69
C LYS A 127 1.47 -29.05 -0.67
N PHE A 128 1.07 -27.79 -0.95
CA PHE A 128 1.98 -26.67 -0.93
C PHE A 128 2.67 -26.58 0.44
N MET A 129 1.90 -26.76 1.51
CA MET A 129 2.46 -26.64 2.86
C MET A 129 3.44 -27.79 3.16
N ARG A 130 3.08 -29.01 2.73
CA ARG A 130 4.00 -30.14 2.86
C ARG A 130 5.33 -29.84 2.14
N SER A 131 5.23 -29.16 0.98
CA SER A 131 6.37 -28.89 0.12
C SER A 131 7.38 -27.97 0.79
N ILE A 132 6.94 -27.17 1.79
CA ILE A 132 7.86 -26.27 2.45
C ILE A 132 8.30 -26.84 3.80
N GLY A 133 7.85 -28.05 4.13
CA GLY A 133 8.33 -28.75 5.32
C GLY A 133 7.33 -28.73 6.47
N ASP A 134 6.08 -28.32 6.19
CA ASP A 134 5.05 -28.17 7.21
C ASP A 134 4.16 -29.43 7.23
N ASN A 135 4.31 -30.24 8.28
CA ASN A 135 3.66 -31.53 8.38
C ASN A 135 2.42 -31.50 9.28
N GLU A 136 2.11 -30.34 9.90
CA GLU A 136 0.94 -30.22 10.76
C GLU A 136 -0.29 -29.68 10.00
N PHE A 137 -0.07 -28.70 9.13
CA PHE A 137 -1.14 -28.01 8.41
C PHE A 137 -2.00 -29.01 7.64
N ARG A 138 -3.32 -28.84 7.76
CA ARG A 138 -4.24 -29.55 6.90
C ARG A 138 -5.40 -28.64 6.53
N LEU A 139 -5.66 -28.51 5.23
CA LEU A 139 -6.93 -27.91 4.86
C LEU A 139 -7.77 -29.03 4.25
N ASP A 140 -9.00 -29.19 4.74
CA ASP A 140 -9.83 -30.33 4.35
C ASP A 140 -11.03 -29.87 3.53
N ARG A 141 -11.55 -28.68 3.86
CA ARG A 141 -12.76 -28.17 3.22
C ARG A 141 -12.51 -26.83 2.52
N TRP A 142 -13.54 -26.36 1.79
CA TRP A 142 -13.54 -25.07 1.08
C TRP A 142 -14.19 -24.03 1.98
N GLU A 143 -14.11 -22.76 1.56
CA GLU A 143 -14.95 -21.76 2.20
C GLU A 143 -16.41 -22.05 1.86
N LEU A 144 -17.35 -21.89 2.80
CA LEU A 144 -17.18 -21.34 4.13
C LEU A 144 -17.23 -22.47 5.17
N GLU A 145 -17.34 -23.72 4.71
CA GLU A 145 -17.56 -24.84 5.63
CA GLU A 145 -17.56 -24.84 5.63
C GLU A 145 -16.36 -25.05 6.57
N LEU A 146 -15.15 -24.63 6.15
CA LEU A 146 -13.94 -24.82 6.95
C LEU A 146 -13.97 -24.00 8.25
N ASN A 147 -14.97 -23.13 8.44
CA ASN A 147 -14.99 -22.28 9.62
C ASN A 147 -15.84 -22.85 10.77
N THR A 148 -16.31 -24.11 10.68
CA THR A 148 -17.25 -24.60 11.68
C THR A 148 -16.65 -24.65 13.09
N ALA A 149 -15.34 -24.94 13.22
CA ALA A 149 -14.58 -24.87 14.46
C ALA A 149 -15.18 -25.79 15.53
N ILE A 150 -15.65 -26.98 15.12
CA ILE A 150 -16.33 -27.88 16.07
C ILE A 150 -15.33 -28.44 17.08
N PRO A 151 -15.60 -28.43 18.41
CA PRO A 151 -14.70 -29.08 19.38
C PRO A 151 -14.40 -30.51 18.93
N GLY A 152 -13.11 -30.88 18.98
CA GLY A 152 -12.64 -32.22 18.62
C GLY A 152 -12.39 -32.40 17.11
N ASP A 153 -12.89 -31.48 16.27
CA ASP A 153 -12.73 -31.63 14.82
C ASP A 153 -11.28 -31.33 14.43
N LYS A 154 -10.59 -32.25 13.74
CA LYS A 154 -9.24 -31.98 13.26
C LYS A 154 -9.18 -31.44 11.83
N ARG A 155 -10.32 -31.40 11.13
CA ARG A 155 -10.31 -30.81 9.80
C ARG A 155 -9.92 -29.33 9.91
N ASP A 156 -9.07 -28.87 8.96
CA ASP A 156 -8.84 -27.43 8.80
C ASP A 156 -8.13 -26.85 10.05
N THR A 157 -7.08 -27.54 10.51
CA THR A 157 -6.34 -27.15 11.72
C THR A 157 -4.86 -27.13 11.39
N SER A 158 -4.09 -26.43 12.24
CA SER A 158 -2.65 -26.59 12.33
C SER A 158 -2.29 -26.41 13.81
N THR A 159 -0.99 -26.21 14.08
CA THR A 159 -0.52 -25.97 15.44
C THR A 159 0.09 -24.58 15.44
N PRO A 160 0.13 -23.88 16.60
CA PRO A 160 0.76 -22.56 16.65
C PRO A 160 2.23 -22.60 16.20
N LYS A 161 2.96 -23.67 16.53
CA LYS A 161 4.36 -23.78 16.13
C LYS A 161 4.55 -23.92 14.62
N ALA A 162 3.77 -24.81 14.00
CA ALA A 162 3.87 -25.04 12.55
C ALA A 162 3.53 -23.76 11.80
N VAL A 163 2.51 -23.04 12.27
CA VAL A 163 2.15 -21.80 11.60
C VAL A 163 3.32 -20.82 11.64
N ALA A 164 3.94 -20.65 12.82
CA ALA A 164 5.03 -19.70 13.02
C ALA A 164 6.24 -20.11 12.14
N ASN A 165 6.56 -21.41 12.15
CA ASN A 165 7.69 -21.91 11.38
C ASN A 165 7.45 -21.69 9.89
N SER A 166 6.20 -21.89 9.47
CA SER A 166 5.88 -21.69 8.07
C SER A 166 5.92 -20.22 7.66
N LEU A 167 5.33 -19.32 8.45
CA LEU A 167 5.43 -17.91 8.11
C LEU A 167 6.91 -17.46 8.06
N ASN A 168 7.74 -18.07 8.92
CA ASN A 168 9.16 -17.77 8.94
C ASN A 168 9.77 -18.13 7.59
N LYS A 169 9.51 -19.37 7.14
CA LYS A 169 10.03 -19.85 5.86
C LYS A 169 9.56 -18.96 4.72
N LEU A 170 8.30 -18.50 4.75
CA LEU A 170 7.71 -17.81 3.62
C LEU A 170 8.06 -16.31 3.57
N ALA A 171 7.84 -15.61 4.68
CA ALA A 171 8.09 -14.18 4.81
C ALA A 171 9.58 -13.82 4.89
N LEU A 172 10.40 -14.72 5.46
CA LEU A 172 11.75 -14.32 5.81
C LEU A 172 12.78 -15.29 5.18
N GLY A 173 12.35 -16.51 4.85
CA GLY A 173 13.23 -17.55 4.33
C GLY A 173 13.43 -17.47 2.82
N ASN A 174 13.58 -18.63 2.17
CA ASN A 174 13.99 -18.65 0.78
C ASN A 174 13.07 -19.50 -0.08
N VAL A 175 11.80 -19.68 0.33
CA VAL A 175 10.87 -20.38 -0.53
C VAL A 175 10.56 -19.50 -1.75
N LEU A 176 10.43 -18.19 -1.49
CA LEU A 176 10.24 -17.19 -2.52
C LEU A 176 11.57 -16.48 -2.72
N ASN A 177 11.86 -16.11 -3.99
CA ASN A 177 13.06 -15.36 -4.31
C ASN A 177 12.89 -13.91 -3.88
N ALA A 178 13.96 -13.12 -3.97
CA ALA A 178 13.99 -11.86 -3.24
C ALA A 178 12.92 -10.91 -3.77
N LYS A 179 12.63 -11.01 -5.07
CA LYS A 179 11.65 -10.13 -5.69
C LYS A 179 10.25 -10.53 -5.23
N VAL A 180 10.00 -11.83 -5.29
CA VAL A 180 8.68 -12.38 -5.03
C VAL A 180 8.35 -12.21 -3.54
N LYS A 181 9.37 -12.44 -2.69
CA LYS A 181 9.28 -12.27 -1.25
C LYS A 181 8.89 -10.84 -0.87
N ALA A 182 9.50 -9.87 -1.55
CA ALA A 182 9.20 -8.47 -1.30
C ALA A 182 7.72 -8.20 -1.54
N ILE A 183 7.14 -8.78 -2.59
CA ILE A 183 5.71 -8.60 -2.85
C ILE A 183 4.91 -9.17 -1.68
N TYR A 184 5.29 -10.38 -1.26
CA TYR A 184 4.55 -11.11 -0.25
C TYR A 184 4.58 -10.32 1.06
N GLN A 185 5.76 -9.78 1.41
CA GLN A 185 5.88 -8.99 2.63
C GLN A 185 4.97 -7.78 2.54
N ASN A 186 4.90 -7.19 1.36
CA ASN A 186 4.09 -5.99 1.19
CA ASN A 186 4.08 -6.02 1.10
C ASN A 186 2.61 -6.36 1.32
N TRP A 187 2.22 -7.55 0.84
CA TRP A 187 0.83 -7.97 1.02
C TRP A 187 0.47 -8.12 2.52
N LEU A 188 1.34 -8.79 3.29
CA LEU A 188 1.11 -8.97 4.72
C LEU A 188 1.03 -7.62 5.45
N LYS A 189 1.89 -6.70 5.04
CA LYS A 189 1.98 -5.43 5.74
C LYS A 189 0.68 -4.68 5.54
N GLY A 190 0.10 -4.83 4.36
CA GLY A 190 -1.14 -4.11 4.01
C GLY A 190 -2.41 -4.77 4.57
N ASN A 191 -2.31 -5.83 5.39
CA ASN A 191 -3.51 -6.51 5.91
C ASN A 191 -4.41 -5.52 6.67
N THR A 192 -5.76 -5.62 6.51
CA THR A 192 -6.66 -4.58 7.02
C THR A 192 -7.42 -5.02 8.27
N THR A 193 -7.34 -6.30 8.64
CA THR A 193 -8.29 -6.84 9.62
C THR A 193 -7.67 -7.09 10.98
N GLY A 194 -6.40 -6.71 11.17
CA GLY A 194 -5.68 -7.18 12.35
C GLY A 194 -5.34 -6.08 13.35
N ASP A 195 -6.02 -4.91 13.28
CA ASP A 195 -5.66 -3.75 14.08
C ASP A 195 -5.77 -4.02 15.59
N ALA A 196 -6.69 -4.91 16.01
CA ALA A 196 -6.98 -5.20 17.41
C ALA A 196 -6.32 -6.49 17.92
N ARG A 197 -5.41 -7.07 17.14
CA ARG A 197 -4.80 -8.37 17.49
C ARG A 197 -3.31 -8.15 17.73
N ILE A 198 -2.44 -8.87 16.97
CA ILE A 198 -1.01 -8.75 17.22
C ILE A 198 -0.51 -7.31 17.09
N ARG A 199 -1.05 -6.56 16.11
CA ARG A 199 -0.61 -5.18 15.89
C ARG A 199 -0.84 -4.31 17.15
N ALA A 200 -1.85 -4.64 17.95
CA ALA A 200 -2.22 -3.90 19.14
C ALA A 200 -1.26 -4.17 20.29
N SER A 201 -0.36 -5.15 20.09
CA SER A 201 0.52 -5.59 21.15
C SER A 201 1.93 -4.99 21.03
N VAL A 202 2.17 -4.21 19.97
CA VAL A 202 3.49 -3.63 19.76
C VAL A 202 3.34 -2.13 19.48
N PRO A 203 4.45 -1.34 19.52
CA PRO A 203 4.41 0.07 19.12
C PRO A 203 3.92 0.31 17.70
N ALA A 204 3.03 1.31 17.57
CA ALA A 204 2.45 1.78 16.31
C ALA A 204 3.53 2.04 15.26
N ASP A 205 4.75 2.37 15.70
CA ASP A 205 5.77 2.78 14.74
C ASP A 205 6.58 1.57 14.25
N TRP A 206 6.42 0.39 14.87
CA TRP A 206 6.99 -0.85 14.36
C TRP A 206 6.28 -1.28 13.08
N VAL A 207 6.97 -2.04 12.22
CA VAL A 207 6.32 -2.41 10.97
C VAL A 207 5.81 -3.85 11.12
N VAL A 208 4.52 -4.08 10.80
CA VAL A 208 3.93 -5.40 11.03
C VAL A 208 3.20 -5.89 9.78
N GLY A 209 3.38 -7.18 9.47
CA GLY A 209 2.60 -7.91 8.49
C GLY A 209 1.88 -9.06 9.19
N ASP A 210 0.59 -9.26 8.89
CA ASP A 210 -0.17 -10.28 9.62
C ASP A 210 -1.31 -10.85 8.78
N LYS A 211 -1.85 -11.99 9.21
CA LYS A 211 -3.11 -12.48 8.67
C LYS A 211 -3.92 -13.04 9.83
N THR A 212 -5.18 -12.60 9.93
CA THR A 212 -6.12 -13.02 10.96
C THR A 212 -7.01 -14.17 10.48
N GLY A 213 -7.71 -14.77 11.45
CA GLY A 213 -8.81 -15.70 11.20
C GLY A 213 -9.88 -15.51 12.27
N SER A 214 -11.15 -15.55 11.81
CA SER A 214 -12.34 -15.46 12.66
C SER A 214 -13.38 -16.43 12.11
N CYS A 215 -13.53 -17.56 12.80
CA CYS A 215 -14.42 -18.66 12.41
C CYS A 215 -15.88 -18.27 12.62
N GLY A 216 -16.14 -17.44 13.64
CA GLY A 216 -17.46 -16.97 14.05
C GLY A 216 -18.28 -18.06 14.76
N ALA A 217 -17.63 -19.10 15.25
CA ALA A 217 -18.29 -20.10 16.06
C ALA A 217 -17.30 -20.51 17.13
N TYR A 218 -17.78 -20.86 18.33
CA TYR A 218 -16.93 -21.37 19.41
C TYR A 218 -15.78 -20.43 19.73
N GLY A 219 -16.05 -19.10 19.66
CA GLY A 219 -15.07 -18.12 20.11
C GLY A 219 -13.71 -18.30 19.44
N THR A 220 -13.69 -18.88 18.24
CA THR A 220 -12.42 -19.35 17.66
C THR A 220 -11.88 -18.25 16.75
N ALA A 221 -10.64 -17.80 17.01
CA ALA A 221 -10.01 -16.73 16.24
C ALA A 221 -8.50 -16.71 16.45
N ASN A 222 -7.76 -16.05 15.53
CA ASN A 222 -6.31 -16.22 15.51
C ASN A 222 -5.67 -15.06 14.77
N ASP A 223 -4.33 -15.08 14.76
CA ASP A 223 -3.53 -14.07 14.08
C ASP A 223 -2.10 -14.56 14.10
N TYR A 224 -1.42 -14.38 12.97
CA TYR A 224 0.01 -14.57 12.93
C TYR A 224 0.62 -13.31 12.31
N ALA A 225 1.90 -13.03 12.65
CA ALA A 225 2.54 -11.80 12.21
C ALA A 225 4.05 -11.95 12.09
N VAL A 226 4.62 -11.21 11.13
CA VAL A 226 6.02 -10.84 11.12
C VAL A 226 6.06 -9.39 11.58
N ILE A 227 6.94 -9.11 12.55
CA ILE A 227 7.12 -7.82 13.17
C ILE A 227 8.58 -7.40 12.97
N TRP A 228 8.79 -6.21 12.39
CA TRP A 228 10.12 -5.60 12.27
C TRP A 228 10.25 -4.50 13.31
N PRO A 229 10.90 -4.74 14.48
CA PRO A 229 11.08 -3.67 15.46
C PRO A 229 12.07 -2.68 14.86
N LYS A 230 12.03 -1.42 15.28
CA LYS A 230 13.03 -0.51 14.75
C LYS A 230 14.42 -0.95 15.22
N ASN A 231 15.34 -1.04 14.25
CA ASN A 231 16.75 -1.39 14.42
C ASN A 231 16.92 -2.73 15.15
N ARG A 232 16.22 -3.77 14.69
CA ARG A 232 16.29 -5.08 15.33
C ARG A 232 15.83 -6.12 14.31
N ALA A 233 16.32 -7.38 14.40
CA ALA A 233 15.84 -8.44 13.52
C ALA A 233 14.36 -8.71 13.77
N PRO A 234 13.63 -9.27 12.78
CA PRO A 234 12.19 -9.52 12.92
C PRO A 234 11.81 -10.58 13.96
N LEU A 235 10.58 -10.49 14.48
CA LEU A 235 9.97 -11.45 15.38
C LEU A 235 8.91 -12.20 14.58
N ILE A 236 8.59 -13.44 14.94
CA ILE A 236 7.44 -14.15 14.36
C ILE A 236 6.51 -14.48 15.53
N VAL A 237 5.21 -14.17 15.43
CA VAL A 237 4.25 -14.47 16.49
C VAL A 237 3.04 -15.15 15.87
N SER A 238 2.55 -16.24 16.50
CA SER A 238 1.43 -17.06 16.09
C SER A 238 0.54 -17.30 17.31
N ILE A 239 -0.70 -16.79 17.28
CA ILE A 239 -1.65 -16.89 18.40
C ILE A 239 -2.94 -17.50 17.87
N TYR A 240 -3.39 -18.61 18.48
CA TYR A 240 -4.61 -19.33 18.12
C TYR A 240 -5.47 -19.48 19.37
N THR A 241 -6.79 -19.29 19.24
CA THR A 241 -7.70 -19.39 20.37
C THR A 241 -8.96 -20.18 19.96
N THR A 242 -9.52 -20.90 20.94
CA THR A 242 -10.86 -21.47 20.89
C THR A 242 -11.53 -21.17 22.24
N ARG A 243 -12.85 -21.27 22.26
CA ARG A 243 -13.60 -21.15 23.50
C ARG A 243 -14.63 -22.28 23.54
N LYS A 244 -15.17 -22.50 24.75
CA LYS A 244 -15.84 -23.74 25.07
C LYS A 244 -17.20 -23.86 24.42
N SER A 245 -17.98 -22.79 24.31
CA SER A 245 -19.38 -22.89 23.89
C SER A 245 -19.60 -22.28 22.51
N LYS A 246 -20.51 -22.89 21.75
CA LYS A 246 -20.70 -22.57 20.34
C LYS A 246 -20.95 -21.07 20.17
N ASP A 247 -21.74 -20.53 21.10
CA ASP A 247 -22.19 -19.16 21.01
C ASP A 247 -21.15 -18.16 21.53
N ASP A 248 -20.02 -18.65 22.07
CA ASP A 248 -19.03 -17.74 22.62
C ASP A 248 -18.47 -16.89 21.47
N LYS A 249 -18.23 -15.60 21.74
CA LYS A 249 -17.64 -14.70 20.76
C LYS A 249 -16.12 -14.70 20.92
N HIS A 250 -15.38 -14.50 19.82
CA HIS A 250 -13.91 -14.42 19.91
C HIS A 250 -13.53 -13.22 20.78
N SER A 251 -12.26 -13.20 21.23
CA SER A 251 -11.72 -12.19 22.12
C SER A 251 -10.47 -11.55 21.50
N ASP A 252 -10.64 -10.39 20.85
CA ASP A 252 -9.48 -9.74 20.25
C ASP A 252 -8.49 -9.36 21.35
N LYS A 253 -9.01 -8.92 22.51
CA LYS A 253 -8.18 -8.47 23.63
C LYS A 253 -7.33 -9.61 24.19
N THR A 254 -7.91 -10.80 24.20
CA THR A 254 -7.18 -11.96 24.67
C THR A 254 -6.03 -12.23 23.70
N ILE A 255 -6.31 -12.17 22.38
CA ILE A 255 -5.25 -12.42 21.39
C ILE A 255 -4.10 -11.42 21.57
N ALA A 256 -4.45 -10.14 21.72
CA ALA A 256 -3.45 -9.09 21.88
C ALA A 256 -2.64 -9.33 23.14
N GLU A 257 -3.30 -9.68 24.26
CA GLU A 257 -2.58 -9.88 25.51
C GLU A 257 -1.63 -11.09 25.40
N ALA A 258 -2.10 -12.19 24.79
CA ALA A 258 -1.25 -13.36 24.58
C ALA A 258 -0.02 -13.00 23.75
N SER A 259 -0.23 -12.18 22.72
CA SER A 259 0.90 -11.69 21.94
C SER A 259 1.87 -10.90 22.82
N ARG A 260 1.33 -9.99 23.64
CA ARG A 260 2.21 -9.21 24.51
C ARG A 260 3.06 -10.12 25.37
N ILE A 261 2.45 -11.17 25.96
CA ILE A 261 3.14 -12.08 26.87
C ILE A 261 4.21 -12.88 26.12
N ALA A 262 3.85 -13.33 24.91
CA ALA A 262 4.75 -14.14 24.09
C ALA A 262 5.98 -13.31 23.70
N ILE A 263 5.75 -12.05 23.31
CA ILE A 263 6.81 -11.11 22.92
C ILE A 263 7.76 -10.87 24.09
N GLN A 264 7.21 -10.70 25.30
CA GLN A 264 8.04 -10.53 26.49
C GLN A 264 8.89 -11.78 26.74
N ALA A 265 8.29 -12.97 26.63
CA ALA A 265 8.95 -14.25 26.83
C ALA A 265 10.25 -14.41 26.01
N ILE A 266 10.30 -13.90 24.78
CA ILE A 266 11.47 -14.14 23.94
C ILE A 266 12.48 -13.01 24.00
N ASP A 267 12.14 -11.90 24.71
CA ASP A 267 12.89 -10.66 24.64
CA ASP A 267 12.91 -10.69 24.61
C ASP A 267 14.15 -10.79 25.51
N ASN B 1 18.99 12.86 15.01
CA ASN B 1 18.44 13.89 15.94
C ASN B 1 17.48 14.82 15.18
N LYS B 2 17.95 15.44 14.08
CA LYS B 2 17.13 16.37 13.30
C LYS B 2 15.94 15.62 12.68
N SER B 3 16.19 14.38 12.25
CA SER B 3 15.25 13.55 11.51
C SER B 3 14.18 13.01 12.46
N ASP B 4 14.63 12.62 13.67
CA ASP B 4 13.80 12.02 14.69
C ASP B 4 12.79 13.06 15.19
N ALA B 5 13.24 14.30 15.33
CA ALA B 5 12.42 15.38 15.83
C ALA B 5 11.37 15.79 14.80
N ALA B 6 11.79 15.78 13.52
CA ALA B 6 10.87 16.13 12.45
C ALA B 6 9.82 15.05 12.27
N ALA B 7 10.23 13.78 12.42
CA ALA B 7 9.30 12.67 12.34
C ALA B 7 8.22 12.84 13.41
N LYS B 8 8.65 13.17 14.63
CA LYS B 8 7.70 13.40 15.72
C LYS B 8 6.64 14.45 15.41
N GLN B 9 7.06 15.57 14.80
CA GLN B 9 6.17 16.66 14.43
C GLN B 9 5.19 16.23 13.33
N ILE B 10 5.68 15.47 12.34
CA ILE B 10 4.80 14.96 11.29
C ILE B 10 3.79 13.99 11.92
N LYS B 11 4.24 13.08 12.79
CA LYS B 11 3.35 12.12 13.41
C LYS B 11 2.21 12.85 14.14
N LYS B 12 2.55 13.96 14.79
CA LYS B 12 1.56 14.68 15.59
C LYS B 12 0.59 15.38 14.65
N LEU B 13 1.12 15.87 13.53
CA LEU B 13 0.32 16.58 12.56
C LEU B 13 -0.69 15.63 11.95
N GLU B 14 -0.27 14.39 11.65
CA GLU B 14 -1.20 13.51 10.97
C GLU B 14 -2.30 13.04 11.93
N GLU B 15 -1.96 12.96 13.22
CA GLU B 15 -2.92 12.58 14.24
C GLU B 15 -3.93 13.69 14.49
N ASP B 16 -3.43 14.93 14.50
CA ASP B 16 -4.28 16.09 14.79
C ASP B 16 -5.36 16.23 13.73
N PHE B 17 -5.11 15.77 12.49
CA PHE B 17 -6.13 15.87 11.45
C PHE B 17 -6.74 14.50 11.11
N ASP B 18 -6.28 13.44 11.78
CA ASP B 18 -6.83 12.10 11.63
C ASP B 18 -6.63 11.58 10.22
N GLY B 19 -5.36 11.51 9.82
CA GLY B 19 -5.04 11.12 8.46
C GLY B 19 -3.61 10.61 8.42
N ARG B 20 -3.07 10.65 7.21
CA ARG B 20 -1.78 10.06 6.99
C ARG B 20 -0.98 11.00 6.09
N ILE B 21 0.26 11.29 6.50
CA ILE B 21 1.09 12.21 5.75
C ILE B 21 2.36 11.47 5.33
N GLY B 22 2.73 11.58 4.06
CA GLY B 22 4.02 11.07 3.60
C GLY B 22 4.84 12.21 2.98
N VAL B 23 6.14 12.23 3.25
CA VAL B 23 6.98 13.36 2.90
C VAL B 23 8.29 12.80 2.37
N PHE B 24 8.87 13.46 1.38
CA PHE B 24 10.28 13.28 1.05
C PHE B 24 10.82 14.63 0.60
N ALA B 25 11.98 15.03 1.15
CA ALA B 25 12.60 16.29 0.79
C ALA B 25 14.10 16.07 0.57
N ILE B 26 14.68 16.82 -0.38
CA ILE B 26 16.09 16.72 -0.68
C ILE B 26 16.66 18.14 -0.69
N ASP B 27 17.81 18.36 -0.03
CA ASP B 27 18.62 19.55 -0.27
C ASP B 27 19.68 19.20 -1.31
N THR B 28 19.51 19.69 -2.54
CA THR B 28 20.42 19.31 -3.62
C THR B 28 21.82 19.91 -3.43
N GLY B 29 21.98 20.89 -2.52
CA GLY B 29 23.29 21.45 -2.21
C GLY B 29 24.11 20.48 -1.37
N SER B 30 23.61 20.19 -0.17
CA SER B 30 24.26 19.30 0.78
C SER B 30 24.07 17.82 0.43
N GLY B 31 22.93 17.44 -0.18
CA GLY B 31 22.58 16.04 -0.39
C GLY B 31 21.76 15.44 0.76
N ASN B 32 21.50 16.24 1.79
CA ASN B 32 20.66 15.87 2.93
C ASN B 32 19.25 15.50 2.48
N THR B 33 18.69 14.45 3.07
CA THR B 33 17.31 14.06 2.74
C THR B 33 16.49 13.89 4.02
N PHE B 34 15.16 13.90 3.89
CA PHE B 34 14.25 13.67 5.00
C PHE B 34 13.05 12.91 4.45
N GLY B 35 12.68 11.82 5.12
CA GLY B 35 11.54 11.03 4.71
C GLY B 35 10.64 10.65 5.87
N TYR B 36 9.32 10.60 5.64
CA TYR B 36 8.33 10.15 6.62
C TYR B 36 7.25 9.42 5.83
N ARG B 37 7.03 8.14 6.15
CA ARG B 37 6.24 7.24 5.32
C ARG B 37 6.60 7.39 3.83
N SER B 38 7.90 7.57 3.54
CA SER B 38 8.33 8.00 2.24
C SER B 38 8.23 6.86 1.22
N ASP B 39 8.12 5.61 1.73
CA ASP B 39 7.98 4.42 0.89
C ASP B 39 6.54 3.93 0.81
N GLU B 40 5.58 4.64 1.45
CA GLU B 40 4.19 4.21 1.45
C GLU B 40 3.49 4.77 0.22
N ARG B 41 2.42 4.09 -0.21
CA ARG B 41 1.72 4.53 -1.39
C ARG B 41 0.65 5.55 -0.99
N PHE B 42 0.49 6.54 -1.87
CA PHE B 42 -0.55 7.53 -1.72
C PHE B 42 -1.13 7.78 -3.13
N PRO B 43 -2.44 8.10 -3.26
CA PRO B 43 -3.04 8.47 -4.54
C PRO B 43 -2.32 9.66 -5.15
N LEU B 44 -2.13 9.60 -6.48
CA LEU B 44 -1.48 10.67 -7.20
C LEU B 44 -2.42 11.87 -7.36
N CYS B 45 -3.74 11.63 -7.52
CA CYS B 45 -4.69 12.65 -7.96
C CYS B 45 -4.07 13.37 -9.17
N SER B 46 -4.26 14.69 -9.30
CA SER B 46 -3.81 15.45 -10.48
C SER B 46 -2.28 15.61 -10.58
N SER B 47 -1.52 15.20 -9.54
CA SER B 47 -0.08 15.51 -9.47
C SER B 47 0.70 14.90 -10.65
N PHE B 48 0.17 13.80 -11.23
CA PHE B 48 0.89 13.14 -12.32
C PHE B 48 0.93 14.05 -13.54
N LYS B 49 0.04 15.08 -13.55
CA LYS B 49 -0.04 15.99 -14.68
C LYS B 49 1.26 16.77 -14.85
N GLY B 50 1.98 16.98 -13.74
CA GLY B 50 3.32 17.57 -13.84
C GLY B 50 4.29 16.70 -14.64
N PHE B 51 4.13 15.38 -14.54
CA PHE B 51 5.03 14.50 -15.27
C PHE B 51 4.58 14.31 -16.72
N LEU B 52 3.26 14.36 -16.92
CA LEU B 52 2.65 14.26 -18.23
C LEU B 52 3.19 15.39 -19.11
N ALA B 53 3.23 16.61 -18.57
CA ALA B 53 3.84 17.73 -19.27
C ALA B 53 5.29 17.44 -19.68
N ALA B 54 6.11 16.88 -18.77
CA ALA B 54 7.50 16.60 -19.10
C ALA B 54 7.62 15.54 -20.22
N ALA B 55 6.73 14.54 -20.20
CA ALA B 55 6.68 13.49 -21.20
C ALA B 55 6.40 14.09 -22.59
N VAL B 56 5.48 15.06 -22.64
CA VAL B 56 5.22 15.76 -23.88
C VAL B 56 6.49 16.51 -24.33
N LEU B 57 7.13 17.21 -23.39
CA LEU B 57 8.35 17.92 -23.73
C LEU B 57 9.45 16.96 -24.21
N GLU B 58 9.46 15.73 -23.68
CA GLU B 58 10.45 14.76 -24.15
C GLU B 58 10.21 14.40 -25.62
N ARG B 59 8.94 14.15 -25.94
CA ARG B 59 8.56 13.81 -27.30
C ARG B 59 8.93 14.95 -28.24
N VAL B 60 8.68 16.19 -27.81
CA VAL B 60 8.99 17.38 -28.58
C VAL B 60 10.50 17.46 -28.88
N GLN B 61 11.34 17.26 -27.87
CA GLN B 61 12.78 17.38 -28.05
C GLN B 61 13.27 16.25 -28.97
N GLN B 62 12.55 15.12 -29.01
CA GLN B 62 12.94 14.01 -29.87
C GLN B 62 12.38 14.21 -31.29
N LYS B 63 11.72 15.34 -31.52
CA LYS B 63 11.11 15.68 -32.80
C LYS B 63 9.98 14.72 -33.14
N LYS B 64 9.43 14.04 -32.13
CA LYS B 64 8.29 13.17 -32.36
C LYS B 64 7.01 14.00 -32.48
N LEU B 65 6.99 15.20 -31.86
CA LEU B 65 5.88 16.15 -31.89
C LEU B 65 6.45 17.56 -32.02
N ASP B 66 5.59 18.52 -32.35
CA ASP B 66 5.97 19.90 -32.52
C ASP B 66 5.18 20.68 -31.47
N ILE B 67 5.89 21.46 -30.62
CA ILE B 67 5.27 22.23 -29.56
C ILE B 67 4.19 23.16 -30.12
N ASN B 68 4.27 23.52 -31.42
CA ASN B 68 3.33 24.47 -31.99
C ASN B 68 2.18 23.81 -32.75
N GLN B 69 2.16 22.47 -32.89
CA GLN B 69 1.14 21.82 -33.69
C GLN B 69 -0.24 22.03 -33.05
N LYS B 70 -1.25 22.23 -33.89
CA LYS B 70 -2.60 22.51 -33.41
C LYS B 70 -3.28 21.19 -33.03
N VAL B 71 -3.95 21.21 -31.86
CA VAL B 71 -4.67 20.04 -31.39
C VAL B 71 -6.14 20.41 -31.35
N LYS B 72 -6.93 19.70 -32.18
CA LYS B 72 -8.34 20.04 -32.40
C LYS B 72 -9.23 19.04 -31.67
N TYR B 73 -10.38 19.50 -31.15
CA TYR B 73 -11.26 18.68 -30.34
C TYR B 73 -12.66 19.30 -30.32
N GLU B 74 -13.08 19.79 -31.48
CA GLU B 74 -14.26 20.65 -31.61
C GLU B 74 -15.50 19.89 -31.14
N SER B 75 -15.45 18.54 -31.19
CA SER B 75 -16.62 17.69 -30.99
C SER B 75 -16.60 16.97 -29.64
N ARG B 76 -15.58 17.25 -28.80
CA ARG B 76 -15.32 16.43 -27.63
C ARG B 76 -16.26 16.86 -26.53
N ASP B 77 -16.85 15.86 -25.86
CA ASP B 77 -17.51 16.08 -24.58
C ASP B 77 -16.43 16.25 -23.53
N LEU B 78 -16.16 17.49 -23.16
CA LEU B 78 -15.05 17.79 -22.29
C LEU B 78 -15.39 17.35 -20.87
N GLU B 79 -14.38 16.74 -20.23
CA GLU B 79 -14.40 16.33 -18.85
C GLU B 79 -14.64 17.50 -17.90
N TYR B 80 -15.26 17.17 -16.76
CA TYR B 80 -15.41 18.16 -15.71
C TYR B 80 -14.04 18.70 -15.31
N HIS B 81 -14.03 19.98 -14.90
CA HIS B 81 -12.81 20.72 -14.58
C HIS B 81 -11.88 20.73 -15.78
N SER B 82 -12.39 21.27 -16.90
CA SER B 82 -11.61 21.65 -18.05
C SER B 82 -11.76 23.15 -18.31
N PRO B 83 -11.31 24.02 -17.37
CA PRO B 83 -11.54 25.46 -17.48
C PRO B 83 -10.80 26.10 -18.66
N ILE B 84 -9.65 25.55 -19.06
CA ILE B 84 -8.87 26.11 -20.14
C ILE B 84 -9.32 25.53 -21.49
N THR B 85 -9.33 24.19 -21.62
CA THR B 85 -9.70 23.57 -22.88
C THR B 85 -11.10 24.02 -23.32
N THR B 86 -11.97 24.30 -22.34
CA THR B 86 -13.35 24.67 -22.65
C THR B 86 -13.34 26.01 -23.40
N LYS B 87 -12.41 26.90 -23.05
CA LYS B 87 -12.47 28.24 -23.64
C LYS B 87 -12.05 28.20 -25.12
N TYR B 88 -11.18 27.25 -25.49
CA TYR B 88 -10.52 27.21 -26.80
C TYR B 88 -11.06 26.08 -27.67
N LYS B 89 -12.20 25.50 -27.26
CA LYS B 89 -12.79 24.34 -27.90
C LYS B 89 -13.02 24.62 -29.38
N GLY B 90 -13.47 25.84 -29.71
CA GLY B 90 -13.79 26.21 -31.08
C GLY B 90 -12.57 26.31 -32.00
N SER B 91 -11.40 26.68 -31.48
CA SER B 91 -10.28 26.96 -32.37
C SER B 91 -9.15 25.95 -32.21
N GLY B 92 -9.14 25.19 -31.11
CA GLY B 92 -8.05 24.26 -30.87
C GLY B 92 -6.98 24.93 -29.99
N MET B 93 -5.98 24.17 -29.56
CA MET B 93 -4.89 24.71 -28.78
C MET B 93 -3.58 24.15 -29.33
N THR B 94 -2.46 24.87 -29.17
CA THR B 94 -1.19 24.25 -29.49
C THR B 94 -0.93 23.12 -28.49
N LEU B 95 -0.08 22.16 -28.90
CA LEU B 95 0.28 21.05 -28.04
C LEU B 95 0.90 21.59 -26.77
N GLY B 96 1.80 22.57 -26.95
CA GLY B 96 2.50 23.14 -25.81
C GLY B 96 1.54 23.83 -24.84
N ASP B 97 0.60 24.59 -25.39
CA ASP B 97 -0.41 25.23 -24.53
C ASP B 97 -1.29 24.19 -23.82
N MET B 98 -1.66 23.12 -24.53
CA MET B 98 -2.49 22.09 -23.93
C MET B 98 -1.77 21.38 -22.78
N ALA B 99 -0.49 21.03 -22.99
CA ALA B 99 0.31 20.40 -21.95
C ALA B 99 0.47 21.32 -20.75
N SER B 100 0.74 22.61 -21.00
CA SER B 100 0.97 23.50 -19.86
C SER B 100 -0.31 23.82 -19.09
N ALA B 101 -1.47 23.77 -19.75
CA ALA B 101 -2.74 23.92 -19.06
C ALA B 101 -3.00 22.72 -18.15
N ALA B 102 -2.64 21.51 -18.62
CA ALA B 102 -2.80 20.33 -17.78
C ALA B 102 -2.02 20.55 -16.48
N LEU B 103 -0.79 21.07 -16.61
CA LEU B 103 0.02 21.34 -15.44
C LEU B 103 -0.57 22.50 -14.65
N GLN B 104 -0.67 23.69 -15.26
CA GLN B 104 -0.83 24.94 -14.50
C GLN B 104 -2.25 25.20 -14.01
N TYR B 105 -3.26 24.61 -14.68
CA TYR B 105 -4.65 24.72 -14.24
C TYR B 105 -5.27 23.38 -13.88
N SER B 106 -4.48 22.29 -13.95
CA SER B 106 -4.92 20.93 -13.67
C SER B 106 -6.02 20.46 -14.64
N ASP B 107 -6.03 20.98 -15.88
CA ASP B 107 -7.12 20.81 -16.82
C ASP B 107 -7.33 19.34 -17.21
N ASN B 108 -8.56 18.80 -17.01
CA ASN B 108 -8.82 17.37 -17.22
C ASN B 108 -8.97 16.96 -18.70
N GLY B 109 -9.57 17.83 -19.50
CA GLY B 109 -9.67 17.57 -20.93
C GLY B 109 -8.28 17.54 -21.56
N ALA B 110 -7.44 18.53 -21.21
CA ALA B 110 -6.06 18.56 -21.67
C ALA B 110 -5.36 17.25 -21.36
N THR B 111 -5.51 16.78 -20.12
CA THR B 111 -4.81 15.58 -19.66
C THR B 111 -5.23 14.38 -20.52
N ASN B 112 -6.55 14.16 -20.63
CA ASN B 112 -7.08 12.98 -21.29
C ASN B 112 -6.80 13.01 -22.79
N ILE B 113 -6.98 14.18 -23.45
CA ILE B 113 -6.65 14.33 -24.86
C ILE B 113 -5.19 13.96 -25.12
N ILE B 114 -4.30 14.50 -24.27
CA ILE B 114 -2.89 14.22 -24.45
C ILE B 114 -2.60 12.72 -24.27
N MET B 115 -3.17 12.09 -23.24
CA MET B 115 -2.87 10.67 -23.05
C MET B 115 -3.47 9.81 -24.17
N GLU B 116 -4.65 10.19 -24.66
CA GLU B 116 -5.29 9.52 -25.79
C GLU B 116 -4.44 9.56 -27.06
N ARG B 117 -3.90 10.75 -27.37
CA ARG B 117 -3.34 10.96 -28.71
C ARG B 117 -1.82 10.81 -28.76
N PHE B 118 -1.12 11.17 -27.68
CA PHE B 118 0.32 11.41 -27.77
C PHE B 118 1.10 10.41 -26.89
N LEU B 119 0.52 9.99 -25.75
CA LEU B 119 1.30 9.39 -24.68
C LEU B 119 1.03 7.90 -24.49
N GLY B 120 0.00 7.35 -25.16
CA GLY B 120 -0.31 5.93 -25.03
C GLY B 120 -1.10 5.61 -23.75
N GLY B 121 -1.93 6.57 -23.32
CA GLY B 121 -2.80 6.25 -22.20
C GLY B 121 -2.07 6.13 -20.88
N PRO B 122 -2.78 5.74 -19.80
CA PRO B 122 -2.17 5.50 -18.48
C PRO B 122 -0.99 4.53 -18.52
N GLU B 123 -1.07 3.49 -19.37
CA GLU B 123 0.04 2.55 -19.53
C GLU B 123 1.26 3.28 -20.11
N GLY B 124 1.05 4.15 -21.10
CA GLY B 124 2.13 4.92 -21.68
C GLY B 124 2.75 5.94 -20.72
N MET B 125 1.91 6.58 -19.90
CA MET B 125 2.36 7.50 -18.86
C MET B 125 3.27 6.75 -17.87
N THR B 126 2.83 5.55 -17.43
CA THR B 126 3.62 4.70 -16.55
C THR B 126 4.93 4.31 -17.25
N LYS B 127 4.85 3.94 -18.54
CA LYS B 127 6.04 3.58 -19.28
C LYS B 127 7.03 4.75 -19.31
N PHE B 128 6.53 6.00 -19.43
CA PHE B 128 7.44 7.14 -19.40
C PHE B 128 8.18 7.19 -18.05
N MET B 129 7.44 6.98 -16.95
CA MET B 129 8.04 7.03 -15.63
C MET B 129 9.07 5.90 -15.45
N ARG B 130 8.77 4.71 -15.98
CA ARG B 130 9.76 3.64 -15.91
C ARG B 130 11.04 4.06 -16.65
N SER B 131 10.87 4.81 -17.75
CA SER B 131 12.01 5.19 -18.58
C SER B 131 12.97 6.13 -17.86
N ILE B 132 12.49 6.86 -16.83
CA ILE B 132 13.38 7.74 -16.07
C ILE B 132 13.80 7.09 -14.75
N GLY B 133 13.52 5.78 -14.60
CA GLY B 133 14.04 5.04 -13.47
C GLY B 133 13.08 5.02 -12.28
N ASP B 134 11.82 5.43 -12.52
CA ASP B 134 10.81 5.46 -11.47
C ASP B 134 10.01 4.17 -11.50
N ASN B 135 10.28 3.29 -10.54
CA ASN B 135 9.67 1.97 -10.46
C ASN B 135 8.41 1.91 -9.58
N GLU B 136 8.07 2.98 -8.83
CA GLU B 136 6.91 2.90 -7.95
C GLU B 136 5.64 3.44 -8.59
N PHE B 137 5.77 4.49 -9.43
CA PHE B 137 4.62 5.16 -10.04
C PHE B 137 3.79 4.15 -10.83
N ARG B 138 2.45 4.23 -10.67
CA ARG B 138 1.55 3.58 -11.61
C ARG B 138 0.34 4.46 -11.87
N LEU B 139 0.03 4.69 -13.15
CA LEU B 139 -1.24 5.28 -13.53
C LEU B 139 -2.04 4.18 -14.24
N ASP B 140 -3.25 3.94 -13.74
CA ASP B 140 -4.07 2.82 -14.20
C ASP B 140 -5.33 3.32 -14.91
N ARG B 141 -5.91 4.43 -14.43
CA ARG B 141 -7.19 4.93 -14.95
C ARG B 141 -7.02 6.34 -15.55
N TRP B 142 -8.07 6.82 -16.25
CA TRP B 142 -8.14 8.14 -16.87
C TRP B 142 -8.82 9.13 -15.94
N GLU B 143 -8.83 10.43 -16.29
CA GLU B 143 -9.68 11.37 -15.55
C GLU B 143 -11.14 11.08 -15.88
N LEU B 144 -12.06 11.12 -14.88
CA LEU B 144 -11.77 11.48 -13.50
C LEU B 144 -11.76 10.26 -12.56
N GLU B 145 -11.90 9.03 -13.09
CA GLU B 145 -12.03 7.83 -12.26
CA GLU B 145 -12.03 7.85 -12.24
C GLU B 145 -10.78 7.63 -11.40
N LEU B 146 -9.61 8.12 -11.87
CA LEU B 146 -8.36 7.90 -11.14
C LEU B 146 -8.37 8.63 -9.78
N ASN B 147 -9.42 9.41 -9.46
CA ASN B 147 -9.43 10.21 -8.25
C ASN B 147 -10.11 9.52 -7.06
N THR B 148 -10.53 8.25 -7.21
CA THR B 148 -11.35 7.64 -6.16
C THR B 148 -10.62 7.59 -4.80
N ALA B 149 -9.29 7.35 -4.79
CA ALA B 149 -8.52 7.41 -3.55
C ALA B 149 -9.02 6.43 -2.47
N ILE B 150 -9.36 5.18 -2.85
CA ILE B 150 -9.89 4.22 -1.88
C ILE B 150 -8.76 3.73 -0.98
N PRO B 151 -8.90 3.81 0.37
CA PRO B 151 -7.89 3.27 1.29
C PRO B 151 -7.51 1.86 0.83
N GLY B 152 -6.21 1.63 0.67
CA GLY B 152 -5.63 0.34 0.34
C GLY B 152 -5.76 -0.04 -1.14
N ASP B 153 -6.25 0.90 -1.97
CA ASP B 153 -6.24 0.70 -3.42
C ASP B 153 -4.90 1.18 -4.01
N LYS B 154 -4.26 0.32 -4.82
CA LYS B 154 -2.94 0.65 -5.36
C LYS B 154 -3.01 1.40 -6.70
N ARG B 155 -4.17 1.40 -7.34
CA ARG B 155 -4.31 2.03 -8.65
C ARG B 155 -4.01 3.52 -8.54
N ASP B 156 -3.23 4.06 -9.50
CA ASP B 156 -3.01 5.52 -9.56
C ASP B 156 -2.41 6.08 -8.27
N THR B 157 -1.29 5.46 -7.86
CA THR B 157 -0.53 5.81 -6.67
C THR B 157 0.95 5.88 -7.03
N SER B 158 1.73 6.51 -6.15
CA SER B 158 3.19 6.45 -6.11
C SER B 158 3.64 6.58 -4.64
N THR B 159 4.95 6.74 -4.40
CA THR B 159 5.44 7.04 -3.06
C THR B 159 5.98 8.46 -3.04
N PRO B 160 5.93 9.17 -1.89
CA PRO B 160 6.58 10.49 -1.78
C PRO B 160 8.03 10.53 -2.26
N LYS B 161 8.82 9.48 -1.94
CA LYS B 161 10.23 9.40 -2.35
C LYS B 161 10.33 9.27 -3.87
N ALA B 162 9.46 8.44 -4.49
CA ALA B 162 9.57 8.23 -5.93
C ALA B 162 9.25 9.52 -6.69
N VAL B 163 8.19 10.19 -6.25
CA VAL B 163 7.80 11.46 -6.85
C VAL B 163 8.93 12.46 -6.73
N ALA B 164 9.48 12.58 -5.51
CA ALA B 164 10.60 13.48 -5.27
C ALA B 164 11.79 13.20 -6.21
N ASN B 165 12.21 11.93 -6.30
CA ASN B 165 13.33 11.56 -7.18
C ASN B 165 13.02 11.87 -8.64
N SER B 166 11.81 11.52 -9.08
CA SER B 166 11.40 11.76 -10.46
C SER B 166 11.37 13.26 -10.79
N LEU B 167 10.89 14.09 -9.85
CA LEU B 167 10.88 15.54 -10.09
C LEU B 167 12.30 16.07 -10.19
N ASN B 168 13.20 15.53 -9.35
CA ASN B 168 14.61 15.91 -9.32
C ASN B 168 15.24 15.65 -10.70
N LYS B 169 15.01 14.45 -11.25
CA LYS B 169 15.53 14.05 -12.54
C LYS B 169 15.01 14.91 -13.69
N LEU B 170 13.72 15.25 -13.65
CA LEU B 170 13.07 15.97 -14.74
C LEU B 170 13.32 17.48 -14.65
N ALA B 171 13.19 18.04 -13.45
CA ALA B 171 13.27 19.48 -13.34
C ALA B 171 14.71 19.94 -13.21
N LEU B 172 15.59 19.11 -12.62
CA LEU B 172 16.93 19.58 -12.29
C LEU B 172 18.00 18.79 -13.06
N GLY B 173 17.69 17.54 -13.39
CA GLY B 173 18.60 16.60 -14.02
C GLY B 173 18.57 16.72 -15.54
N ASN B 174 18.99 15.67 -16.26
CA ASN B 174 19.23 15.86 -17.68
C ASN B 174 18.33 15.02 -18.56
N VAL B 175 17.09 14.72 -18.13
CA VAL B 175 16.18 14.00 -19.01
C VAL B 175 15.84 14.94 -20.18
N LEU B 176 15.67 16.23 -19.84
CA LEU B 176 15.33 17.24 -20.84
C LEU B 176 16.62 18.00 -21.15
N ASN B 177 16.83 18.36 -22.43
CA ASN B 177 17.98 19.18 -22.78
C ASN B 177 17.79 20.58 -22.21
N ALA B 178 18.83 21.42 -22.28
CA ALA B 178 18.88 22.71 -21.62
C ALA B 178 17.66 23.58 -21.94
N LYS B 179 17.27 23.68 -23.22
CA LYS B 179 16.20 24.60 -23.64
C LYS B 179 14.83 24.12 -23.16
N VAL B 180 14.57 22.83 -23.35
CA VAL B 180 13.30 22.23 -22.98
C VAL B 180 13.18 22.12 -21.45
N LYS B 181 14.30 21.91 -20.72
CA LYS B 181 14.24 21.92 -19.26
C LYS B 181 13.80 23.29 -18.75
N ALA B 182 14.34 24.35 -19.39
CA ALA B 182 14.00 25.71 -18.98
C ALA B 182 12.50 25.95 -19.16
N ILE B 183 11.93 25.45 -20.26
CA ILE B 183 10.51 25.58 -20.53
C ILE B 183 9.71 24.85 -19.44
N TYR B 184 10.20 23.66 -19.06
CA TYR B 184 9.53 22.84 -18.05
C TYR B 184 9.56 23.55 -16.70
N GLN B 185 10.73 24.10 -16.35
CA GLN B 185 10.90 24.86 -15.11
C GLN B 185 9.93 26.05 -15.09
N ASN B 186 9.75 26.73 -16.22
CA ASN B 186 8.93 27.93 -16.19
C ASN B 186 7.45 27.56 -16.11
N TRP B 187 7.09 26.41 -16.67
CA TRP B 187 5.74 25.88 -16.56
C TRP B 187 5.41 25.58 -15.11
N LEU B 188 6.31 24.85 -14.42
CA LEU B 188 6.17 24.60 -12.97
C LEU B 188 6.09 25.92 -12.17
N LYS B 189 6.94 26.90 -12.49
CA LYS B 189 6.91 28.14 -11.72
C LYS B 189 5.57 28.86 -11.88
N GLY B 190 4.94 28.69 -13.04
CA GLY B 190 3.67 29.34 -13.36
C GLY B 190 2.43 28.52 -12.95
N ASN B 191 2.60 27.43 -12.18
CA ASN B 191 1.45 26.69 -11.67
C ASN B 191 0.53 27.64 -10.88
N THR B 192 -0.81 27.51 -11.01
CA THR B 192 -1.72 28.50 -10.40
C THR B 192 -2.48 27.98 -9.20
N THR B 193 -2.32 26.70 -8.87
CA THR B 193 -3.24 26.06 -7.92
C THR B 193 -2.57 25.79 -6.57
N GLY B 194 -1.32 26.23 -6.37
CA GLY B 194 -0.50 25.80 -5.24
C GLY B 194 -0.14 26.87 -4.20
N ASP B 195 -0.82 28.02 -4.26
CA ASP B 195 -0.51 29.16 -3.39
C ASP B 195 -0.69 28.81 -1.91
N ALA B 196 -1.62 27.89 -1.59
CA ALA B 196 -1.96 27.55 -0.21
C ALA B 196 -1.15 26.36 0.33
N ARG B 197 -0.25 25.79 -0.48
CA ARG B 197 0.44 24.56 -0.08
C ARG B 197 1.94 24.82 0.06
N ILE B 198 2.82 24.18 -0.76
CA ILE B 198 4.25 24.32 -0.50
C ILE B 198 4.69 25.80 -0.59
N ARG B 199 4.13 26.54 -1.56
CA ARG B 199 4.48 27.96 -1.73
C ARG B 199 4.30 28.75 -0.43
N ALA B 200 3.31 28.33 0.37
CA ALA B 200 2.96 29.07 1.57
C ALA B 200 3.94 28.76 2.69
N SER B 201 4.79 27.75 2.45
CA SER B 201 5.73 27.26 3.44
C SER B 201 7.06 28.00 3.39
N VAL B 202 7.28 28.89 2.40
CA VAL B 202 8.60 29.46 2.22
C VAL B 202 8.51 30.98 2.06
N PRO B 203 9.58 31.78 2.31
CA PRO B 203 9.54 33.23 2.02
C PRO B 203 9.09 33.50 0.58
N ALA B 204 8.48 34.68 0.36
CA ALA B 204 7.83 34.99 -0.92
C ALA B 204 8.87 35.45 -1.95
N ASP B 205 10.10 35.74 -1.49
CA ASP B 205 11.13 36.10 -2.46
C ASP B 205 11.86 34.84 -2.96
N TRP B 206 11.52 33.64 -2.46
CA TRP B 206 12.06 32.43 -3.07
C TRP B 206 11.23 32.10 -4.32
N VAL B 207 11.81 31.31 -5.21
CA VAL B 207 11.14 30.96 -6.44
C VAL B 207 10.71 29.51 -6.30
N VAL B 208 9.46 29.21 -6.70
CA VAL B 208 8.90 27.88 -6.52
C VAL B 208 8.24 27.42 -7.82
N GLY B 209 8.51 26.18 -8.23
CA GLY B 209 7.68 25.55 -9.24
C GLY B 209 6.95 24.38 -8.59
N ASP B 210 5.67 24.15 -8.90
CA ASP B 210 5.00 23.05 -8.20
C ASP B 210 3.89 22.44 -9.07
N LYS B 211 3.42 21.25 -8.70
CA LYS B 211 2.15 20.72 -9.19
C LYS B 211 1.39 20.12 -8.02
N THR B 212 0.10 20.49 -7.88
CA THR B 212 -0.75 20.02 -6.81
C THR B 212 -1.58 18.85 -7.30
N GLY B 213 -2.25 18.18 -6.34
CA GLY B 213 -3.29 17.22 -6.71
C GLY B 213 -4.37 17.25 -5.63
N SER B 214 -5.64 17.21 -6.06
CA SER B 214 -6.79 17.12 -5.16
C SER B 214 -7.82 16.13 -5.70
N CYS B 215 -7.96 14.99 -5.00
CA CYS B 215 -8.83 13.88 -5.38
C CYS B 215 -10.31 14.17 -5.10
N GLY B 216 -10.58 14.99 -4.06
CA GLY B 216 -11.95 15.26 -3.67
C GLY B 216 -12.65 14.08 -3.01
N ALA B 217 -11.89 13.09 -2.52
CA ALA B 217 -12.40 11.97 -1.74
C ALA B 217 -11.36 11.63 -0.69
N TYR B 218 -11.80 11.20 0.51
CA TYR B 218 -10.90 10.77 1.57
C TYR B 218 -9.88 11.87 1.88
N GLY B 219 -10.31 13.12 1.75
CA GLY B 219 -9.47 14.26 2.10
C GLY B 219 -8.06 14.14 1.52
N THR B 220 -7.97 13.63 0.29
CA THR B 220 -6.68 13.24 -0.26
C THR B 220 -6.16 14.40 -1.10
N ALA B 221 -4.96 14.88 -0.80
CA ALA B 221 -4.40 16.04 -1.52
C ALA B 221 -2.88 16.03 -1.41
N ASN B 222 -2.18 16.75 -2.31
CA ASN B 222 -0.74 16.59 -2.38
C ASN B 222 -0.14 17.79 -3.11
N ASP B 223 1.18 17.91 -3.02
CA ASP B 223 1.93 18.92 -3.78
C ASP B 223 3.39 18.44 -3.84
N TYR B 224 4.03 18.62 -5.00
CA TYR B 224 5.48 18.53 -5.04
C TYR B 224 6.03 19.83 -5.63
N ALA B 225 7.25 20.23 -5.22
CA ALA B 225 7.86 21.49 -5.66
C ALA B 225 9.37 21.37 -5.86
N VAL B 226 9.89 22.14 -6.82
CA VAL B 226 11.29 22.54 -6.80
C VAL B 226 11.31 23.97 -6.24
N ILE B 227 12.16 24.19 -5.24
CA ILE B 227 12.36 25.48 -4.57
C ILE B 227 13.77 26.00 -4.84
N TRP B 228 13.87 27.27 -5.26
CA TRP B 228 15.12 28.00 -5.42
C TRP B 228 15.21 29.05 -4.31
N PRO B 229 15.85 28.76 -3.16
CA PRO B 229 16.03 29.78 -2.13
C PRO B 229 17.04 30.79 -2.68
N LYS B 230 16.99 32.05 -2.23
CA LYS B 230 18.01 33.01 -2.70
C LYS B 230 19.38 32.60 -2.20
N ASN B 231 20.34 32.60 -3.13
CA ASN B 231 21.75 32.30 -2.90
C ASN B 231 21.94 30.93 -2.23
N ARG B 232 21.24 29.92 -2.75
CA ARG B 232 21.27 28.56 -2.22
C ARG B 232 20.92 27.55 -3.31
N ALA B 233 21.45 26.33 -3.23
CA ALA B 233 21.10 25.28 -4.18
C ALA B 233 19.62 24.93 -4.03
N PRO B 234 18.91 24.50 -5.12
CA PRO B 234 17.50 24.09 -5.04
C PRO B 234 17.15 22.99 -4.03
N LEU B 235 15.89 23.02 -3.56
CA LEU B 235 15.29 21.98 -2.73
C LEU B 235 14.19 21.28 -3.53
N ILE B 236 13.97 20.01 -3.23
CA ILE B 236 12.87 19.23 -3.77
C ILE B 236 12.02 18.82 -2.58
N VAL B 237 10.70 19.04 -2.66
CA VAL B 237 9.81 18.75 -1.55
C VAL B 237 8.57 18.05 -2.13
N SER B 238 8.23 16.87 -1.55
CA SER B 238 7.13 16.05 -1.99
C SER B 238 6.24 15.71 -0.79
N ILE B 239 4.95 16.11 -0.82
CA ILE B 239 4.02 16.02 0.30
C ILE B 239 2.72 15.40 -0.22
N TYR B 240 2.33 14.22 0.33
CA TYR B 240 1.10 13.49 -0.01
C TYR B 240 0.30 13.26 1.27
N THR B 241 -1.03 13.42 1.22
CA THR B 241 -1.86 13.25 2.40
C THR B 241 -3.11 12.46 2.04
N THR B 242 -3.63 11.68 2.98
CA THR B 242 -4.95 11.07 2.85
C THR B 242 -5.63 11.25 4.20
N ARG B 243 -6.97 11.10 4.22
CA ARG B 243 -7.67 11.13 5.49
C ARG B 243 -8.53 9.90 5.68
N LYS B 244 -9.08 9.75 6.89
CA LYS B 244 -9.64 8.47 7.29
C LYS B 244 -10.97 8.24 6.57
N SER B 245 -11.84 9.26 6.46
CA SER B 245 -13.17 8.99 5.95
C SER B 245 -13.40 9.59 4.57
N LYS B 246 -14.29 8.95 3.80
CA LYS B 246 -14.57 9.32 2.42
C LYS B 246 -14.97 10.79 2.28
N ASP B 247 -15.73 11.29 3.26
CA ASP B 247 -16.30 12.62 3.25
C ASP B 247 -15.34 13.68 3.79
N ASP B 248 -14.16 13.27 4.26
CA ASP B 248 -13.19 14.21 4.78
C ASP B 248 -12.74 15.14 3.65
N LYS B 249 -12.53 16.43 3.98
CA LYS B 249 -11.98 17.37 3.03
C LYS B 249 -10.46 17.48 3.19
N HIS B 250 -9.75 17.85 2.14
CA HIS B 250 -8.30 17.91 2.22
C HIS B 250 -7.93 19.14 3.09
N SER B 251 -6.69 19.13 3.59
CA SER B 251 -6.23 20.20 4.47
C SER B 251 -5.01 20.89 3.85
N ASP B 252 -5.20 22.10 3.28
CA ASP B 252 -4.11 22.84 2.66
C ASP B 252 -3.05 23.18 3.71
N LYS B 253 -3.51 23.57 4.91
CA LYS B 253 -2.60 23.98 5.94
C LYS B 253 -1.75 22.83 6.45
N THR B 254 -2.31 21.61 6.49
CA THR B 254 -1.52 20.45 6.85
C THR B 254 -0.38 20.26 5.83
N ILE B 255 -0.68 20.40 4.54
CA ILE B 255 0.34 20.25 3.51
C ILE B 255 1.41 21.33 3.70
N ALA B 256 1.02 22.59 3.91
CA ALA B 256 1.97 23.68 4.09
C ALA B 256 2.86 23.43 5.33
N GLU B 257 2.24 22.96 6.42
CA GLU B 257 3.00 22.80 7.65
C GLU B 257 3.96 21.62 7.51
N ALA B 258 3.49 20.52 6.91
CA ALA B 258 4.39 19.40 6.63
C ALA B 258 5.57 19.86 5.76
N SER B 259 5.33 20.78 4.82
CA SER B 259 6.43 21.33 4.04
C SER B 259 7.41 22.12 4.93
N ARG B 260 6.90 23.00 5.80
CA ARG B 260 7.79 23.70 6.71
C ARG B 260 8.67 22.71 7.49
N ILE B 261 8.08 21.65 8.04
CA ILE B 261 8.80 20.68 8.86
C ILE B 261 9.86 19.97 8.02
N ALA B 262 9.46 19.47 6.85
CA ALA B 262 10.41 18.81 5.96
C ALA B 262 11.61 19.72 5.66
N ILE B 263 11.35 21.00 5.36
CA ILE B 263 12.41 21.91 4.94
C ILE B 263 13.40 22.14 6.10
N GLN B 264 12.85 22.30 7.30
CA GLN B 264 13.68 22.45 8.48
C GLN B 264 14.55 21.22 8.69
N ALA B 265 13.99 20.02 8.45
CA ALA B 265 14.69 18.77 8.61
C ALA B 265 15.95 18.64 7.75
N ILE B 266 15.96 19.27 6.56
CA ILE B 266 17.05 19.12 5.58
C ILE B 266 18.02 20.31 5.60
N ASP B 267 17.70 21.35 6.36
CA ASP B 267 18.44 22.61 6.44
CA ASP B 267 18.53 22.55 6.30
C ASP B 267 19.74 22.36 7.24
#